data_1SGM
#
_entry.id   1SGM
#
_cell.length_a   100.356
_cell.length_b   38.956
_cell.length_c   95.705
_cell.angle_alpha   90.00
_cell.angle_beta   101.26
_cell.angle_gamma   90.00
#
_symmetry.space_group_name_H-M   'C 1 2 1'
#
loop_
_entity.id
_entity.type
_entity.pdbx_description
1 polymer 'Putative HTH-type transcriptional regulator yxaF'
2 water water
#
_entity_poly.entity_id   1
_entity_poly.type   'polypeptide(L)'
_entity_poly.pdbx_seq_one_letter_code
;MTSRGDSREKILHTASRLSQLQGYHATGLNQIVKESGAPKGSLYHFFPNGKEELAIEAVTYTGKIVEHLIQQSMDESSDP
VEAIQLFIKKTASQFDNTESIKGIPVGLLASETALISEPLRTVCMKVFKSWEAVFARKLMENGFAEEEANQLGTLINSMI
EGGIMLSLTNKDKTPLLLIAEQIPVLVRKKG
;
_entity_poly.pdbx_strand_id   A,B
#
# COMPACT_ATOMS: atom_id res chain seq x y z
N GLY A 5 0.24 30.19 18.12
CA GLY A 5 0.48 30.75 16.74
C GLY A 5 1.52 29.96 15.98
N ASP A 6 2.45 29.36 16.72
CA ASP A 6 3.52 28.56 16.15
C ASP A 6 3.42 27.08 16.56
N SER A 7 2.72 26.84 17.66
CA SER A 7 2.57 25.48 18.17
C SER A 7 1.70 24.55 17.34
N ARG A 8 0.66 25.08 16.73
CA ARG A 8 -0.21 24.23 15.91
C ARG A 8 0.60 23.57 14.81
N GLU A 9 1.45 24.36 14.17
CA GLU A 9 2.30 23.89 13.08
C GLU A 9 3.21 22.75 13.53
N LYS A 10 3.82 22.89 14.71
CA LYS A 10 4.72 21.87 15.23
C LYS A 10 3.99 20.54 15.43
N ILE A 11 2.75 20.61 15.90
CA ILE A 11 1.97 19.40 16.12
C ILE A 11 1.52 18.76 14.81
N LEU A 12 0.99 19.59 13.91
CA LEU A 12 0.52 19.12 12.62
C LEU A 12 1.64 18.50 11.82
N HIS A 13 2.82 19.12 11.88
CA HIS A 13 3.96 18.62 11.14
C HIS A 13 4.45 17.31 11.74
N THR A 14 4.48 17.22 13.06
CA THR A 14 4.92 15.99 13.71
C THR A 14 3.92 14.86 13.49
N ALA A 15 2.63 15.19 13.58
CA ALA A 15 1.57 14.22 13.39
C ALA A 15 1.62 13.66 11.96
N SER A 16 1.79 14.55 11.00
CA SER A 16 1.85 14.18 9.59
C SER A 16 3.03 13.27 9.34
N ARG A 17 4.18 13.64 9.89
CA ARG A 17 5.40 12.87 9.74
C ARG A 17 5.30 11.49 10.34
N LEU A 18 4.74 11.39 11.54
CA LEU A 18 4.61 10.11 12.23
C LEU A 18 3.54 9.21 11.62
N SER A 19 2.38 9.76 11.30
CA SER A 19 1.33 8.97 10.70
C SER A 19 1.82 8.38 9.38
N GLN A 20 2.61 9.14 8.65
CA GLN A 20 3.16 8.70 7.37
C GLN A 20 4.18 7.57 7.51
N LEU A 21 5.02 7.66 8.53
CA LEU A 21 6.06 6.66 8.77
C LEU A 21 5.62 5.46 9.61
N GLN A 22 4.81 5.68 10.63
CA GLN A 22 4.38 4.59 11.50
C GLN A 22 2.97 4.09 11.25
N GLY A 23 2.13 4.91 10.64
CA GLY A 23 0.76 4.48 10.41
C GLY A 23 -0.12 5.08 11.47
N TYR A 24 -1.42 4.85 11.35
CA TYR A 24 -2.38 5.40 12.30
C TYR A 24 -2.36 4.79 13.69
N HIS A 25 -2.47 3.47 13.76
CA HIS A 25 -2.52 2.81 15.06
C HIS A 25 -1.27 2.88 15.92
N ALA A 26 -0.09 2.74 15.30
CA ALA A 26 1.15 2.79 16.07
C ALA A 26 1.53 4.18 16.58
N THR A 27 0.88 5.22 16.04
CA THR A 27 1.19 6.59 16.45
C THR A 27 0.34 7.08 17.60
N GLY A 28 0.96 7.18 18.77
CA GLY A 28 0.25 7.65 19.95
C GLY A 28 0.35 9.16 20.06
N LEU A 29 -0.65 9.77 20.68
CA LEU A 29 -0.68 11.22 20.84
C LEU A 29 0.41 11.72 21.80
N ASN A 30 0.93 10.85 22.65
CA ASN A 30 1.99 11.25 23.58
C ASN A 30 3.31 11.41 22.83
N GLN A 31 3.55 10.54 21.86
CA GLN A 31 4.77 10.60 21.07
C GLN A 31 4.76 11.87 20.23
N ILE A 32 3.56 12.29 19.79
CA ILE A 32 3.40 13.47 18.97
C ILE A 32 3.75 14.74 19.76
N VAL A 33 3.28 14.82 21.00
CA VAL A 33 3.58 15.96 21.84
C VAL A 33 5.08 15.94 22.12
N LYS A 34 5.55 14.77 22.52
CA LYS A 34 6.95 14.56 22.84
C LYS A 34 7.94 14.93 21.72
N GLU A 35 7.56 14.66 20.48
CA GLU A 35 8.45 14.95 19.35
C GLU A 35 8.19 16.25 18.61
N SER A 36 7.00 16.83 18.80
CA SER A 36 6.64 18.07 18.13
C SER A 36 7.48 19.23 18.63
N GLY A 37 7.87 19.16 19.91
CA GLY A 37 8.65 20.23 20.49
C GLY A 37 7.73 21.32 20.99
N ALA A 38 6.44 21.16 20.72
CA ALA A 38 5.44 22.11 21.15
C ALA A 38 4.91 21.73 22.52
N PRO A 39 4.53 22.71 23.34
CA PRO A 39 4.00 22.46 24.68
C PRO A 39 2.47 22.33 24.81
N LYS A 40 2.03 21.17 25.28
CA LYS A 40 0.60 20.85 25.51
C LYS A 40 -0.45 21.51 24.59
N GLY A 41 -0.05 21.87 23.37
CA GLY A 41 -0.98 22.49 22.46
C GLY A 41 -1.82 21.53 21.65
N SER A 42 -1.45 20.25 21.68
CA SER A 42 -2.19 19.23 20.94
C SER A 42 -3.69 19.31 21.19
N LEU A 43 -4.11 19.01 22.42
CA LEU A 43 -5.53 19.04 22.78
C LEU A 43 -6.11 20.44 22.75
N TYR A 44 -5.25 21.45 22.75
CA TYR A 44 -5.70 22.82 22.71
C TYR A 44 -6.19 23.15 21.30
N HIS A 45 -5.32 22.96 20.32
CA HIS A 45 -5.63 23.26 18.92
C HIS A 45 -6.62 22.30 18.27
N PHE A 46 -6.62 21.05 18.72
CA PHE A 46 -7.56 20.10 18.17
C PHE A 46 -8.54 19.82 19.28
N PHE A 47 -9.35 20.86 19.56
CA PHE A 47 -10.37 20.83 20.60
C PHE A 47 -10.70 19.40 20.87
N PRO A 48 -10.27 18.88 22.03
CA PRO A 48 -10.53 17.48 22.37
C PRO A 48 -10.77 16.61 21.16
N ASN A 49 -11.79 15.76 21.21
CA ASN A 49 -12.07 14.85 20.09
C ASN A 49 -10.89 13.88 20.04
N GLY A 50 -9.69 14.42 19.84
CA GLY A 50 -8.51 13.58 19.84
C GLY A 50 -7.83 13.17 18.54
N LYS A 51 -7.33 11.94 18.55
CA LYS A 51 -6.60 11.35 17.43
C LYS A 51 -7.25 11.46 16.04
N GLU A 52 -8.51 11.09 15.92
CA GLU A 52 -9.16 11.13 14.62
C GLU A 52 -9.22 12.53 14.04
N GLU A 53 -9.58 13.50 14.87
CA GLU A 53 -9.66 14.88 14.43
C GLU A 53 -8.28 15.37 13.99
N LEU A 54 -7.25 15.04 14.77
CA LEU A 54 -5.91 15.46 14.40
C LEU A 54 -5.49 14.76 13.11
N ALA A 55 -5.84 13.48 13.01
CA ALA A 55 -5.51 12.65 11.85
C ALA A 55 -6.13 13.18 10.56
N ILE A 56 -7.37 13.64 10.63
CA ILE A 56 -8.01 14.18 9.44
C ILE A 56 -7.22 15.40 8.94
N GLU A 57 -6.77 16.24 9.86
CA GLU A 57 -6.01 17.42 9.48
C GLU A 57 -4.59 17.04 9.06
N ALA A 58 -4.04 15.99 9.66
CA ALA A 58 -2.70 15.55 9.31
C ALA A 58 -2.68 15.01 7.88
N VAL A 59 -3.70 14.24 7.51
CA VAL A 59 -3.81 13.68 6.16
C VAL A 59 -3.97 14.80 5.16
N THR A 60 -4.77 15.82 5.50
CA THR A 60 -4.97 16.96 4.62
C THR A 60 -3.65 17.70 4.44
N TYR A 61 -2.92 17.85 5.53
CA TYR A 61 -1.63 18.51 5.55
C TYR A 61 -0.65 17.77 4.64
N THR A 62 -0.51 16.48 4.88
CA THR A 62 0.38 15.64 4.09
C THR A 62 -0.10 15.69 2.64
N GLY A 63 -1.42 15.70 2.46
CA GLY A 63 -1.99 15.77 1.13
C GLY A 63 -1.49 16.98 0.35
N LYS A 64 -1.50 18.15 0.98
CA LYS A 64 -1.05 19.38 0.30
C LYS A 64 0.42 19.32 -0.09
N ILE A 65 1.26 18.83 0.81
CA ILE A 65 2.70 18.69 0.54
C ILE A 65 2.97 17.83 -0.70
N VAL A 66 2.32 16.67 -0.76
CA VAL A 66 2.52 15.79 -1.90
C VAL A 66 1.95 16.44 -3.17
N GLU A 67 0.77 17.06 -3.04
CA GLU A 67 0.14 17.74 -4.16
C GLU A 67 1.10 18.78 -4.74
N HIS A 68 1.73 19.57 -3.88
CA HIS A 68 2.69 20.58 -4.33
C HIS A 68 3.91 19.95 -5.00
N LEU A 69 4.31 18.77 -4.52
CA LEU A 69 5.46 18.09 -5.10
C LEU A 69 5.14 17.65 -6.51
N ILE A 70 3.97 17.02 -6.68
CA ILE A 70 3.53 16.57 -7.99
C ILE A 70 3.44 17.77 -8.93
N GLN A 71 2.82 18.85 -8.45
CA GLN A 71 2.67 20.04 -9.26
C GLN A 71 4.03 20.61 -9.67
N GLN A 72 4.93 20.77 -8.70
CA GLN A 72 6.25 21.27 -9.02
C GLN A 72 6.92 20.36 -10.06
N SER A 73 6.73 19.05 -9.92
CA SER A 73 7.30 18.07 -10.85
C SER A 73 6.74 18.16 -12.28
N MET A 74 5.45 18.43 -12.39
CA MET A 74 4.82 18.54 -13.71
C MET A 74 5.37 19.75 -14.44
N ASP A 75 5.81 20.76 -13.68
CA ASP A 75 6.36 21.98 -14.27
C ASP A 75 7.81 21.81 -14.76
N GLU A 76 8.50 20.77 -14.33
CA GLU A 76 9.89 20.57 -14.74
C GLU A 76 10.08 20.12 -16.18
N SER A 77 8.99 19.79 -16.86
CA SER A 77 9.09 19.37 -18.24
C SER A 77 7.81 19.60 -19.03
N SER A 78 7.97 20.00 -20.29
CA SER A 78 6.83 20.22 -21.17
C SER A 78 6.20 18.88 -21.50
N ASP A 79 7.04 17.85 -21.58
CA ASP A 79 6.59 16.51 -21.90
C ASP A 79 5.97 15.82 -20.68
N PRO A 80 4.66 15.52 -20.74
CA PRO A 80 3.95 14.86 -19.63
C PRO A 80 4.64 13.58 -19.17
N VAL A 81 4.96 12.70 -20.12
CA VAL A 81 5.63 11.44 -19.79
C VAL A 81 6.88 11.72 -18.98
N GLU A 82 7.74 12.61 -19.48
CA GLU A 82 8.97 12.92 -18.79
C GLU A 82 8.72 13.55 -17.40
N ALA A 83 7.71 14.41 -17.30
CA ALA A 83 7.42 15.05 -16.02
C ALA A 83 6.96 14.00 -15.00
N ILE A 84 6.13 13.07 -15.44
CA ILE A 84 5.64 12.02 -14.56
C ILE A 84 6.79 11.15 -14.06
N GLN A 85 7.71 10.80 -14.96
CA GLN A 85 8.85 9.98 -14.57
C GLN A 85 9.71 10.69 -13.54
N LEU A 86 9.94 11.97 -13.76
CA LEU A 86 10.74 12.77 -12.84
C LEU A 86 10.16 12.72 -11.45
N PHE A 87 8.83 12.78 -11.36
CA PHE A 87 8.18 12.73 -10.05
C PHE A 87 8.41 11.36 -9.43
N ILE A 88 8.25 10.31 -10.23
CA ILE A 88 8.44 8.95 -9.73
C ILE A 88 9.90 8.77 -9.30
N LYS A 89 10.82 9.32 -10.09
CA LYS A 89 12.23 9.19 -9.74
C LYS A 89 12.55 9.92 -8.45
N LYS A 90 11.90 11.07 -8.22
CA LYS A 90 12.13 11.80 -6.98
C LYS A 90 11.57 11.00 -5.80
N THR A 91 10.38 10.45 -5.97
CA THR A 91 9.77 9.67 -4.91
C THR A 91 10.65 8.47 -4.58
N ALA A 92 11.26 7.89 -5.61
CA ALA A 92 12.12 6.72 -5.46
C ALA A 92 13.44 6.93 -4.75
N SER A 93 13.98 8.15 -4.81
CA SER A 93 15.26 8.46 -4.19
C SER A 93 15.20 8.47 -2.66
N GLN A 94 13.99 8.57 -2.10
CA GLN A 94 13.85 8.58 -0.65
C GLN A 94 14.36 7.26 -0.08
N PHE A 95 14.42 6.24 -0.93
CA PHE A 95 14.86 4.93 -0.51
C PHE A 95 16.35 4.62 -0.64
N ASP A 96 17.10 5.48 -1.32
CA ASP A 96 18.53 5.21 -1.47
C ASP A 96 19.19 5.06 -0.10
N ASN A 97 18.63 5.73 0.90
CA ASN A 97 19.16 5.68 2.27
C ASN A 97 18.02 5.46 3.26
N THR A 98 18.16 4.44 4.08
CA THR A 98 17.15 4.11 5.08
C THR A 98 16.78 5.31 5.95
N GLU A 99 17.73 6.23 6.12
CA GLU A 99 17.52 7.41 6.95
C GLU A 99 16.53 8.40 6.33
N SER A 100 16.55 8.52 5.02
CA SER A 100 15.66 9.43 4.31
C SER A 100 14.30 8.83 3.96
N ILE A 101 14.03 7.63 4.46
CA ILE A 101 12.78 6.96 4.16
C ILE A 101 11.57 7.57 4.85
N LYS A 102 10.55 7.88 4.06
CA LYS A 102 9.31 8.40 4.58
C LYS A 102 8.43 7.20 4.25
N GLY A 103 7.42 6.94 5.05
CA GLY A 103 6.58 5.80 4.75
C GLY A 103 5.74 6.01 3.50
N ILE A 104 4.45 5.76 3.65
CA ILE A 104 3.49 5.92 2.59
C ILE A 104 2.58 7.05 3.10
N PRO A 105 2.92 8.32 2.79
CA PRO A 105 2.20 9.53 3.21
C PRO A 105 0.73 9.43 3.60
N VAL A 106 -0.11 8.95 2.70
CA VAL A 106 -1.54 8.83 2.96
C VAL A 106 -1.99 7.37 2.94
N GLY A 107 -1.49 6.63 1.95
CA GLY A 107 -1.84 5.23 1.76
C GLY A 107 -1.79 4.30 2.96
N LEU A 108 -0.79 4.45 3.81
CA LEU A 108 -0.72 3.58 4.98
C LEU A 108 -1.92 3.82 5.90
N LEU A 109 -2.12 5.06 6.30
CA LEU A 109 -3.24 5.41 7.17
C LEU A 109 -4.60 5.08 6.54
N ALA A 110 -4.71 5.23 5.22
CA ALA A 110 -5.96 4.94 4.51
C ALA A 110 -6.30 3.45 4.52
N SER A 111 -5.27 2.61 4.36
CA SER A 111 -5.46 1.18 4.36
C SER A 111 -5.79 0.66 5.77
N GLU A 112 -5.32 1.38 6.78
CA GLU A 112 -5.58 0.98 8.16
C GLU A 112 -6.95 1.40 8.69
N THR A 113 -7.44 2.54 8.22
CA THR A 113 -8.70 3.10 8.69
C THR A 113 -9.88 2.97 7.73
N ALA A 114 -9.62 2.53 6.50
CA ALA A 114 -10.67 2.39 5.50
C ALA A 114 -11.95 1.73 6.02
N LEU A 115 -11.82 0.52 6.58
CA LEU A 115 -13.00 -0.21 7.05
C LEU A 115 -13.60 0.29 8.35
N ILE A 116 -12.90 1.21 9.00
CA ILE A 116 -13.41 1.80 10.23
C ILE A 116 -13.48 3.27 9.81
N SER A 117 -13.82 4.17 10.72
CA SER A 117 -13.89 5.59 10.37
C SER A 117 -14.12 6.03 8.91
N GLU A 118 -15.37 6.33 8.56
CA GLU A 118 -15.68 6.82 7.22
C GLU A 118 -15.07 8.22 7.07
N PRO A 119 -14.95 8.98 8.17
CA PRO A 119 -14.36 10.32 8.07
C PRO A 119 -12.92 10.26 7.56
N LEU A 120 -12.13 9.36 8.15
CA LEU A 120 -10.73 9.19 7.75
C LEU A 120 -10.63 8.70 6.31
N ARG A 121 -11.44 7.71 5.97
CA ARG A 121 -11.40 7.17 4.61
C ARG A 121 -11.78 8.23 3.61
N THR A 122 -12.76 9.06 3.98
CA THR A 122 -13.24 10.13 3.11
C THR A 122 -12.16 11.15 2.80
N VAL A 123 -11.45 11.60 3.83
CA VAL A 123 -10.39 12.59 3.63
C VAL A 123 -9.26 12.00 2.80
N CYS A 124 -8.95 10.72 2.99
CA CYS A 124 -7.90 10.08 2.20
C CYS A 124 -8.33 9.97 0.74
N MET A 125 -9.61 9.63 0.52
CA MET A 125 -10.14 9.48 -0.84
C MET A 125 -10.02 10.81 -1.59
N LYS A 126 -10.36 11.89 -0.89
CA LYS A 126 -10.30 13.25 -1.43
C LYS A 126 -8.87 13.67 -1.71
N VAL A 127 -7.96 13.36 -0.79
CA VAL A 127 -6.57 13.73 -0.99
C VAL A 127 -6.01 13.04 -2.22
N PHE A 128 -6.27 11.74 -2.35
CA PHE A 128 -5.79 10.98 -3.52
C PHE A 128 -6.35 11.61 -4.80
N LYS A 129 -7.63 11.98 -4.78
CA LYS A 129 -8.26 12.60 -5.94
C LYS A 129 -7.52 13.86 -6.30
N SER A 130 -7.13 14.64 -5.28
CA SER A 130 -6.41 15.88 -5.55
C SER A 130 -5.07 15.61 -6.24
N TRP A 131 -4.41 14.51 -5.88
CA TRP A 131 -3.13 14.16 -6.48
C TRP A 131 -3.37 13.74 -7.93
N GLU A 132 -4.36 12.88 -8.13
CA GLU A 132 -4.71 12.42 -9.46
C GLU A 132 -5.07 13.61 -10.35
N ALA A 133 -5.73 14.61 -9.78
CA ALA A 133 -6.11 15.80 -10.54
C ALA A 133 -4.89 16.56 -11.08
N VAL A 134 -3.80 16.54 -10.34
CA VAL A 134 -2.59 17.22 -10.80
C VAL A 134 -2.06 16.53 -12.06
N PHE A 135 -2.04 15.20 -12.05
CA PHE A 135 -1.57 14.45 -13.22
C PHE A 135 -2.50 14.72 -14.38
N ALA A 136 -3.81 14.65 -14.11
CA ALA A 136 -4.82 14.87 -15.12
C ALA A 136 -4.69 16.24 -15.78
N ARG A 137 -4.52 17.27 -14.97
CA ARG A 137 -4.37 18.62 -15.52
C ARG A 137 -3.23 18.70 -16.52
N LYS A 138 -2.08 18.11 -16.17
CA LYS A 138 -0.93 18.11 -17.07
C LYS A 138 -1.27 17.41 -18.39
N LEU A 139 -1.96 16.28 -18.29
CA LEU A 139 -2.33 15.51 -19.47
C LEU A 139 -3.33 16.31 -20.32
N MET A 140 -4.31 16.91 -19.67
CA MET A 140 -5.30 17.71 -20.37
C MET A 140 -4.66 18.89 -21.11
N GLU A 141 -3.73 19.55 -20.44
CA GLU A 141 -3.03 20.69 -21.04
C GLU A 141 -2.23 20.24 -22.25
N ASN A 142 -1.93 18.94 -22.31
CA ASN A 142 -1.15 18.40 -23.41
C ASN A 142 -1.95 17.66 -24.49
N GLY A 143 -3.27 17.84 -24.50
CA GLY A 143 -4.07 17.20 -25.52
C GLY A 143 -4.95 16.02 -25.11
N PHE A 144 -4.67 15.43 -23.95
CA PHE A 144 -5.48 14.30 -23.52
C PHE A 144 -6.89 14.71 -23.14
N ALA A 145 -7.84 13.82 -23.42
CA ALA A 145 -9.24 14.06 -23.11
C ALA A 145 -9.44 13.98 -21.61
N GLU A 146 -10.46 14.67 -21.10
CA GLU A 146 -10.74 14.69 -19.67
C GLU A 146 -10.84 13.29 -19.07
N GLU A 147 -11.68 12.43 -19.66
CA GLU A 147 -11.86 11.06 -19.18
C GLU A 147 -10.56 10.29 -19.06
N GLU A 148 -9.81 10.24 -20.16
CA GLU A 148 -8.55 9.53 -20.22
C GLU A 148 -7.54 10.10 -19.23
N ALA A 149 -7.50 11.42 -19.13
CA ALA A 149 -6.55 12.08 -18.22
C ALA A 149 -6.84 11.66 -16.78
N ASN A 150 -8.10 11.74 -16.39
CA ASN A 150 -8.50 11.37 -15.04
C ASN A 150 -8.28 9.88 -14.75
N GLN A 151 -8.51 9.04 -15.76
CA GLN A 151 -8.29 7.60 -15.58
C GLN A 151 -6.80 7.33 -15.45
N LEU A 152 -5.99 8.00 -16.26
CA LEU A 152 -4.55 7.83 -16.18
C LEU A 152 -4.07 8.40 -14.84
N GLY A 153 -4.78 9.40 -14.33
CA GLY A 153 -4.43 10.00 -13.06
C GLY A 153 -4.61 8.97 -11.95
N THR A 154 -5.74 8.27 -11.97
CA THR A 154 -5.97 7.26 -10.94
C THR A 154 -5.01 6.10 -11.14
N LEU A 155 -4.80 5.70 -12.39
CA LEU A 155 -3.87 4.61 -12.68
C LEU A 155 -2.47 4.94 -12.16
N ILE A 156 -1.96 6.10 -12.57
CA ILE A 156 -0.62 6.52 -12.15
C ILE A 156 -0.50 6.57 -10.62
N ASN A 157 -1.50 7.16 -9.98
CA ASN A 157 -1.52 7.24 -8.51
C ASN A 157 -1.46 5.83 -7.93
N SER A 158 -2.28 4.93 -8.45
CA SER A 158 -2.31 3.56 -7.94
C SER A 158 -0.97 2.85 -8.10
N MET A 159 -0.31 3.03 -9.25
CA MET A 159 0.99 2.40 -9.49
C MET A 159 2.07 2.92 -8.54
N ILE A 160 2.07 4.22 -8.29
CA ILE A 160 3.06 4.81 -7.41
C ILE A 160 2.86 4.33 -5.98
N GLU A 161 1.61 4.24 -5.54
CA GLU A 161 1.32 3.80 -4.19
C GLU A 161 1.85 2.37 -4.01
N GLY A 162 1.63 1.52 -5.02
CA GLY A 162 2.10 0.15 -4.96
C GLY A 162 3.63 0.07 -5.00
N GLY A 163 4.23 0.93 -5.82
CA GLY A 163 5.67 0.96 -5.92
C GLY A 163 6.30 1.36 -4.60
N ILE A 164 5.69 2.31 -3.89
CA ILE A 164 6.22 2.74 -2.61
C ILE A 164 6.11 1.57 -1.61
N MET A 165 4.99 0.87 -1.67
CA MET A 165 4.75 -0.29 -0.80
C MET A 165 5.88 -1.30 -0.94
N LEU A 166 6.12 -1.75 -2.17
CA LEU A 166 7.19 -2.72 -2.43
C LEU A 166 8.56 -2.15 -2.14
N SER A 167 8.79 -0.88 -2.50
CA SER A 167 10.09 -0.27 -2.26
C SER A 167 10.38 -0.16 -0.77
N LEU A 168 9.34 0.07 0.04
CA LEU A 168 9.52 0.17 1.49
C LEU A 168 9.86 -1.19 2.10
N THR A 169 9.12 -2.21 1.66
CA THR A 169 9.35 -3.58 2.16
C THR A 169 10.75 -4.07 1.79
N ASN A 170 11.25 -3.65 0.64
CA ASN A 170 12.58 -4.07 0.20
C ASN A 170 13.67 -3.07 0.57
N LYS A 171 13.27 -1.91 1.10
CA LYS A 171 14.25 -0.87 1.43
C LYS A 171 15.18 -0.66 0.23
N ASP A 172 14.60 -0.80 -0.96
CA ASP A 172 15.29 -0.63 -2.23
C ASP A 172 14.36 0.07 -3.24
N LYS A 173 14.87 1.10 -3.89
CA LYS A 173 14.10 1.90 -4.84
C LYS A 173 13.72 1.22 -6.17
N THR A 174 14.29 0.05 -6.44
CA THR A 174 14.01 -0.61 -7.73
C THR A 174 12.57 -0.74 -8.20
N PRO A 175 11.64 -1.10 -7.30
CA PRO A 175 10.25 -1.23 -7.76
C PRO A 175 9.70 0.04 -8.41
N LEU A 176 10.04 1.19 -7.86
CA LEU A 176 9.56 2.47 -8.39
C LEU A 176 10.25 2.85 -9.70
N LEU A 177 11.54 2.57 -9.81
CA LEU A 177 12.27 2.90 -11.03
C LEU A 177 11.74 1.99 -12.14
N LEU A 178 11.23 0.83 -11.74
CA LEU A 178 10.68 -0.13 -12.69
C LEU A 178 9.35 0.41 -13.19
N ILE A 179 8.61 1.04 -12.29
CA ILE A 179 7.31 1.62 -12.62
C ILE A 179 7.49 2.83 -13.55
N ALA A 180 8.55 3.59 -13.29
CA ALA A 180 8.86 4.77 -14.09
C ALA A 180 9.11 4.37 -15.54
N GLU A 181 9.75 3.22 -15.75
CA GLU A 181 10.07 2.76 -17.10
C GLU A 181 8.84 2.42 -17.91
N GLN A 182 7.68 2.31 -17.27
CA GLN A 182 6.44 1.94 -17.94
C GLN A 182 5.56 3.11 -18.42
N ILE A 183 5.73 4.28 -17.83
CA ILE A 183 4.91 5.42 -18.20
C ILE A 183 4.97 5.81 -19.69
N PRO A 184 6.10 5.57 -20.36
CA PRO A 184 6.17 5.94 -21.78
C PRO A 184 5.12 5.21 -22.61
N VAL A 185 4.87 3.93 -22.28
CA VAL A 185 3.90 3.14 -23.02
C VAL A 185 2.50 3.19 -22.42
N LEU A 186 2.37 3.77 -21.22
CA LEU A 186 1.07 3.88 -20.57
C LEU A 186 0.38 5.20 -20.92
N VAL A 187 1.17 6.26 -21.02
CA VAL A 187 0.62 7.57 -21.38
C VAL A 187 1.02 7.85 -22.83
N ARG A 188 0.26 7.27 -23.75
CA ARG A 188 0.50 7.42 -25.19
C ARG A 188 -0.14 8.67 -25.77
N GLY B 5 -3.14 -30.53 17.20
CA GLY B 5 -3.30 -29.15 17.73
C GLY B 5 -4.21 -28.30 16.88
N ASP B 6 -5.50 -28.65 16.84
CA ASP B 6 -6.46 -27.89 16.05
C ASP B 6 -6.49 -26.46 16.61
N SER B 7 -6.15 -26.33 17.89
CA SER B 7 -6.12 -25.03 18.54
C SER B 7 -4.98 -24.16 18.00
N ARG B 8 -3.90 -24.80 17.56
CA ARG B 8 -2.78 -24.06 17.00
C ARG B 8 -3.20 -23.42 15.69
N GLU B 9 -3.88 -24.22 14.86
CA GLU B 9 -4.35 -23.76 13.57
C GLU B 9 -5.39 -22.64 13.70
N LYS B 10 -6.23 -22.73 14.74
CA LYS B 10 -7.24 -21.71 14.95
C LYS B 10 -6.58 -20.37 15.25
N ILE B 11 -5.59 -20.39 16.13
CA ILE B 11 -4.89 -19.17 16.50
C ILE B 11 -4.15 -18.59 15.29
N LEU B 12 -3.46 -19.44 14.56
CA LEU B 12 -2.73 -18.96 13.39
C LEU B 12 -3.67 -18.40 12.33
N HIS B 13 -4.74 -19.14 12.01
CA HIS B 13 -5.69 -18.66 11.01
C HIS B 13 -6.28 -17.33 11.44
N THR B 14 -6.67 -17.24 12.70
CA THR B 14 -7.25 -16.03 13.26
C THR B 14 -6.28 -14.85 13.17
N ALA B 15 -5.00 -15.10 13.42
CA ALA B 15 -4.00 -14.04 13.35
C ALA B 15 -3.85 -13.52 11.92
N SER B 16 -3.80 -14.45 10.97
CA SER B 16 -3.66 -14.10 9.57
C SER B 16 -4.85 -13.28 9.10
N ARG B 17 -6.05 -13.71 9.47
CA ARG B 17 -7.27 -13.00 9.10
C ARG B 17 -7.26 -11.58 9.65
N LEU B 18 -6.91 -11.44 10.93
CA LEU B 18 -6.88 -10.12 11.57
C LEU B 18 -5.75 -9.22 11.07
N SER B 19 -4.55 -9.78 10.84
CA SER B 19 -3.44 -8.98 10.35
C SER B 19 -3.71 -8.41 8.94
N GLN B 20 -4.33 -9.21 8.07
CA GLN B 20 -4.62 -8.72 6.72
C GLN B 20 -5.69 -7.64 6.73
N LEU B 21 -6.73 -7.88 7.52
CA LEU B 21 -7.83 -6.94 7.64
C LEU B 21 -7.49 -5.68 8.41
N GLN B 22 -6.98 -5.83 9.62
CA GLN B 22 -6.67 -4.67 10.46
C GLN B 22 -5.25 -4.11 10.47
N GLY B 23 -4.27 -4.92 10.05
CA GLY B 23 -2.91 -4.44 10.09
C GLY B 23 -2.21 -5.04 11.29
N TYR B 24 -0.93 -4.73 11.47
CA TYR B 24 -0.18 -5.30 12.58
C TYR B 24 -0.43 -4.59 13.92
N HIS B 25 -0.22 -3.28 13.96
CA HIS B 25 -0.41 -2.56 15.22
C HIS B 25 -1.83 -2.53 15.75
N ALA B 26 -2.82 -2.51 14.86
CA ALA B 26 -4.21 -2.49 15.28
C ALA B 26 -4.67 -3.83 15.85
N THR B 27 -3.91 -4.89 15.60
CA THR B 27 -4.27 -6.23 16.06
C THR B 27 -3.55 -6.66 17.33
N GLY B 28 -4.30 -6.79 18.42
CA GLY B 28 -3.71 -7.19 19.69
C GLY B 28 -3.84 -8.68 20.01
N LEU B 29 -2.99 -9.15 20.91
CA LEU B 29 -3.00 -10.55 21.33
C LEU B 29 -4.32 -10.91 22.02
N ASN B 30 -4.90 -9.94 22.70
CA ASN B 30 -6.19 -10.15 23.36
C ASN B 30 -7.23 -10.49 22.31
N GLN B 31 -7.27 -9.70 21.25
CA GLN B 31 -8.22 -9.92 20.16
C GLN B 31 -7.98 -11.21 19.40
N ILE B 32 -6.74 -11.67 19.31
CA ILE B 32 -6.45 -12.91 18.61
C ILE B 32 -6.95 -14.07 19.46
N VAL B 33 -6.75 -13.97 20.77
CA VAL B 33 -7.20 -15.02 21.69
C VAL B 33 -8.73 -15.09 21.67
N LYS B 34 -9.36 -13.92 21.78
CA LYS B 34 -10.82 -13.82 21.79
C LYS B 34 -11.51 -14.42 20.56
N GLU B 35 -10.97 -14.18 19.37
CA GLU B 35 -11.60 -14.70 18.16
C GLU B 35 -11.14 -16.08 17.69
N SER B 36 -10.08 -16.60 18.29
CA SER B 36 -9.58 -17.91 17.90
C SER B 36 -10.43 -19.03 18.47
N GLY B 37 -10.91 -18.85 19.69
CA GLY B 37 -11.72 -19.87 20.32
C GLY B 37 -10.84 -20.94 20.93
N ALA B 38 -9.67 -20.54 21.44
CA ALA B 38 -8.73 -21.47 22.05
C ALA B 38 -8.49 -21.08 23.50
N PRO B 39 -8.15 -22.07 24.37
CA PRO B 39 -7.90 -21.86 25.80
C PRO B 39 -6.46 -21.57 26.21
N LYS B 40 -5.96 -20.37 25.93
CA LYS B 40 -4.59 -19.99 26.31
C LYS B 40 -3.46 -20.72 25.58
N GLY B 41 -3.78 -21.30 24.43
CA GLY B 41 -2.76 -22.00 23.67
C GLY B 41 -1.88 -21.04 22.88
N SER B 42 -2.10 -19.74 23.08
CA SER B 42 -1.35 -18.73 22.36
C SER B 42 0.14 -18.75 22.74
N LEU B 43 0.45 -18.41 23.99
CA LEU B 43 1.84 -18.40 24.43
C LEU B 43 2.41 -19.81 24.48
N TYR B 44 1.54 -20.81 24.43
CA TYR B 44 1.99 -22.19 24.44
C TYR B 44 2.57 -22.56 23.07
N HIS B 45 1.90 -22.13 22.01
CA HIS B 45 2.32 -22.40 20.63
C HIS B 45 3.25 -21.33 20.07
N PHE B 46 3.17 -20.13 20.62
CA PHE B 46 4.03 -19.04 20.17
C PHE B 46 4.61 -18.38 21.41
N PHE B 47 5.36 -19.19 22.14
CA PHE B 47 6.03 -18.86 23.39
C PHE B 47 6.72 -17.50 23.44
N PRO B 48 7.15 -17.07 24.65
CA PRO B 48 7.83 -15.81 24.91
C PRO B 48 8.64 -15.26 23.74
N ASN B 49 7.90 -14.91 22.70
CA ASN B 49 8.41 -14.33 21.46
C ASN B 49 7.14 -13.63 20.96
N GLY B 50 6.01 -14.12 21.48
CA GLY B 50 4.70 -13.60 21.20
C GLY B 50 4.26 -13.09 19.84
N LYS B 51 3.79 -11.86 19.82
CA LYS B 51 3.26 -11.23 18.61
C LYS B 51 4.10 -11.27 17.35
N GLU B 52 5.37 -10.87 17.45
CA GLU B 52 6.24 -10.87 16.29
C GLU B 52 6.39 -12.28 15.74
N GLU B 53 6.56 -13.24 16.63
CA GLU B 53 6.73 -14.64 16.21
C GLU B 53 5.44 -15.14 15.56
N LEU B 54 4.31 -14.88 16.19
CA LEU B 54 3.03 -15.29 15.63
C LEU B 54 2.80 -14.63 14.28
N ALA B 55 3.13 -13.34 14.19
CA ALA B 55 2.94 -12.59 12.95
C ALA B 55 3.78 -13.17 11.81
N ILE B 56 5.02 -13.53 12.11
CA ILE B 56 5.91 -14.09 11.09
C ILE B 56 5.28 -15.31 10.43
N GLU B 57 4.77 -16.24 11.23
CA GLU B 57 4.16 -17.43 10.65
C GLU B 57 2.83 -17.08 10.00
N ALA B 58 2.16 -16.06 10.53
CA ALA B 58 0.90 -15.65 9.94
C ALA B 58 1.14 -15.17 8.51
N VAL B 59 2.20 -14.38 8.32
CA VAL B 59 2.55 -13.86 6.99
C VAL B 59 2.82 -15.00 6.01
N THR B 60 3.63 -15.96 6.46
CA THR B 60 3.97 -17.11 5.63
C THR B 60 2.71 -17.87 5.27
N TYR B 61 1.82 -18.01 6.25
CA TYR B 61 0.55 -18.71 6.04
C TYR B 61 -0.26 -17.98 4.97
N THR B 62 -0.41 -16.67 5.15
CA THR B 62 -1.15 -15.84 4.22
C THR B 62 -0.48 -15.88 2.85
N GLY B 63 0.85 -15.88 2.86
CA GLY B 63 1.63 -15.93 1.64
C GLY B 63 1.30 -17.16 0.82
N LYS B 64 1.34 -18.34 1.46
CA LYS B 64 1.05 -19.59 0.75
C LYS B 64 -0.36 -19.63 0.16
N ILE B 65 -1.34 -19.13 0.88
CA ILE B 65 -2.72 -19.12 0.39
C ILE B 65 -2.82 -18.24 -0.86
N VAL B 66 -2.24 -17.06 -0.81
CA VAL B 66 -2.29 -16.17 -1.97
C VAL B 66 -1.50 -16.78 -3.11
N GLU B 67 -0.28 -17.24 -2.81
CA GLU B 67 0.56 -17.85 -3.83
C GLU B 67 -0.24 -18.91 -4.57
N HIS B 68 -1.01 -19.70 -3.82
CA HIS B 68 -1.84 -20.74 -4.42
C HIS B 68 -2.98 -20.15 -5.26
N LEU B 69 -3.57 -19.05 -4.79
CA LEU B 69 -4.65 -18.41 -5.51
C LEU B 69 -4.18 -17.83 -6.86
N ILE B 70 -2.93 -17.38 -6.91
CA ILE B 70 -2.36 -16.83 -8.13
C ILE B 70 -2.13 -17.93 -9.15
N GLN B 71 -1.47 -19.00 -8.72
CA GLN B 71 -1.20 -20.14 -9.59
C GLN B 71 -2.51 -20.63 -10.21
N GLN B 72 -3.58 -20.64 -9.42
CA GLN B 72 -4.86 -21.10 -9.92
C GLN B 72 -5.32 -20.27 -11.12
N SER B 73 -5.17 -18.95 -11.05
CA SER B 73 -5.56 -18.08 -12.15
C SER B 73 -4.62 -18.30 -13.33
N MET B 74 -3.36 -18.61 -13.03
CA MET B 74 -2.37 -18.85 -14.07
C MET B 74 -2.69 -20.16 -14.79
N ASP B 75 -3.25 -21.11 -14.05
CA ASP B 75 -3.60 -22.41 -14.63
C ASP B 75 -4.89 -22.33 -15.43
N GLU B 76 -5.69 -21.31 -15.16
CA GLU B 76 -6.98 -21.15 -15.84
C GLU B 76 -6.93 -20.61 -17.26
N SER B 77 -5.74 -20.34 -17.78
CA SER B 77 -5.59 -19.84 -19.14
C SER B 77 -4.19 -20.08 -19.68
N SER B 78 -4.10 -20.38 -20.98
CA SER B 78 -2.82 -20.63 -21.62
C SER B 78 -2.23 -19.27 -21.99
N ASP B 79 -3.10 -18.28 -22.17
CA ASP B 79 -2.67 -16.92 -22.51
C ASP B 79 -2.23 -16.23 -21.22
N PRO B 80 -0.90 -16.02 -21.07
CA PRO B 80 -0.33 -15.37 -19.88
C PRO B 80 -0.98 -14.06 -19.50
N VAL B 81 -1.22 -13.20 -20.50
CA VAL B 81 -1.86 -11.91 -20.24
C VAL B 81 -3.30 -12.07 -19.79
N GLU B 82 -4.00 -13.07 -20.31
CA GLU B 82 -5.39 -13.29 -19.93
C GLU B 82 -5.45 -13.87 -18.51
N ALA B 83 -4.50 -14.74 -18.19
CA ALA B 83 -4.42 -15.37 -16.87
C ALA B 83 -4.10 -14.33 -15.81
N ILE B 84 -3.36 -13.30 -16.18
CA ILE B 84 -2.99 -12.25 -15.25
C ILE B 84 -4.16 -11.29 -15.02
N GLN B 85 -4.89 -10.96 -16.10
CA GLN B 85 -6.03 -10.06 -16.01
C GLN B 85 -7.17 -10.69 -15.22
N LEU B 86 -7.30 -12.02 -15.31
CA LEU B 86 -8.34 -12.74 -14.59
C LEU B 86 -8.02 -12.72 -13.09
N PHE B 87 -6.76 -12.89 -12.73
CA PHE B 87 -6.43 -12.85 -11.31
C PHE B 87 -6.81 -11.48 -10.74
N ILE B 88 -6.47 -10.42 -11.47
CA ILE B 88 -6.78 -9.06 -11.04
C ILE B 88 -8.28 -8.81 -10.97
N LYS B 89 -9.04 -9.40 -11.88
CA LYS B 89 -10.48 -9.22 -11.87
C LYS B 89 -11.10 -9.95 -10.68
N LYS B 90 -10.61 -11.14 -10.35
CA LYS B 90 -11.15 -11.86 -9.21
C LYS B 90 -10.84 -11.07 -7.94
N THR B 91 -9.65 -10.48 -7.89
CA THR B 91 -9.24 -9.71 -6.74
C THR B 91 -10.12 -8.48 -6.60
N ALA B 92 -10.50 -7.90 -7.73
CA ALA B 92 -11.32 -6.70 -7.76
C ALA B 92 -12.77 -6.95 -7.35
N SER B 93 -13.25 -8.17 -7.56
CA SER B 93 -14.62 -8.53 -7.22
C SER B 93 -14.91 -8.43 -5.74
N GLN B 94 -13.87 -8.46 -4.92
CA GLN B 94 -14.03 -8.38 -3.46
C GLN B 94 -14.54 -7.03 -3.01
N PHE B 95 -14.37 -6.01 -3.84
CA PHE B 95 -14.78 -4.66 -3.47
C PHE B 95 -16.22 -4.26 -3.83
N ASP B 96 -16.82 -4.90 -4.83
CA ASP B 96 -18.18 -4.55 -5.19
C ASP B 96 -19.13 -4.97 -4.07
N ASN B 97 -18.56 -5.24 -2.90
CA ASN B 97 -19.32 -5.64 -1.72
C ASN B 97 -18.47 -5.35 -0.48
N THR B 98 -18.88 -4.38 0.32
CA THR B 98 -18.15 -4.01 1.52
C THR B 98 -17.92 -5.22 2.43
N GLU B 99 -18.89 -6.14 2.41
CA GLU B 99 -18.83 -7.35 3.23
C GLU B 99 -17.70 -8.32 2.87
N SER B 100 -17.39 -8.45 1.59
CA SER B 100 -16.36 -9.38 1.16
C SER B 100 -14.96 -8.78 1.03
N ILE B 101 -14.78 -7.58 1.56
CA ILE B 101 -13.48 -6.92 1.50
C ILE B 101 -12.56 -7.61 2.50
N LYS B 102 -11.41 -8.08 2.01
CA LYS B 102 -10.47 -8.79 2.88
C LYS B 102 -9.33 -7.93 3.40
N GLY B 103 -9.08 -6.81 2.74
CA GLY B 103 -7.99 -5.93 3.15
C GLY B 103 -6.76 -6.15 2.28
N ILE B 104 -5.58 -5.98 2.86
CA ILE B 104 -4.34 -6.18 2.11
C ILE B 104 -3.55 -7.30 2.75
N PRO B 105 -3.77 -8.54 2.30
CA PRO B 105 -3.10 -9.75 2.80
C PRO B 105 -1.73 -9.60 3.47
N VAL B 106 -0.72 -9.16 2.71
CA VAL B 106 0.63 -9.04 3.28
C VAL B 106 1.13 -7.59 3.29
N GLY B 107 0.73 -6.83 2.30
CA GLY B 107 1.16 -5.44 2.16
C GLY B 107 0.98 -4.50 3.34
N LEU B 108 -0.18 -4.53 3.97
CA LEU B 108 -0.42 -3.64 5.10
C LEU B 108 0.55 -3.91 6.25
N LEU B 109 0.66 -5.17 6.67
CA LEU B 109 1.57 -5.53 7.74
C LEU B 109 3.00 -5.18 7.37
N ALA B 110 3.38 -5.50 6.14
CA ALA B 110 4.73 -5.24 5.64
C ALA B 110 5.11 -3.76 5.70
N SER B 111 4.20 -2.90 5.26
CA SER B 111 4.44 -1.46 5.27
C SER B 111 4.50 -0.92 6.69
N GLU B 112 3.78 -1.54 7.60
CA GLU B 112 3.76 -1.08 8.98
C GLU B 112 4.98 -1.50 9.77
N THR B 113 5.57 -2.63 9.42
CA THR B 113 6.71 -3.14 10.17
C THR B 113 8.06 -3.05 9.46
N ALA B 114 8.07 -2.57 8.23
CA ALA B 114 9.29 -2.46 7.45
C ALA B 114 10.47 -1.81 8.17
N LEU B 115 10.23 -0.68 8.83
CA LEU B 115 11.30 0.01 9.53
C LEU B 115 11.51 -0.45 10.97
N ILE B 116 10.63 -1.32 11.44
CA ILE B 116 10.74 -1.88 12.78
C ILE B 116 10.65 -3.40 12.62
N SER B 117 11.68 -4.12 13.02
CA SER B 117 11.70 -5.58 12.89
C SER B 117 12.12 -6.13 11.53
N GLU B 118 13.40 -6.50 11.44
CA GLU B 118 13.93 -7.11 10.23
C GLU B 118 13.28 -8.48 9.99
N PRO B 119 12.97 -9.21 11.06
CA PRO B 119 12.34 -10.52 10.85
C PRO B 119 11.06 -10.44 10.02
N LEU B 120 10.17 -9.50 10.35
CA LEU B 120 8.93 -9.36 9.59
C LEU B 120 9.22 -8.89 8.17
N ARG B 121 10.04 -7.86 8.05
CA ARG B 121 10.37 -7.32 6.73
C ARG B 121 10.96 -8.42 5.86
N THR B 122 11.82 -9.22 6.47
CA THR B 122 12.47 -10.32 5.76
C THR B 122 11.44 -11.31 5.24
N VAL B 123 10.51 -11.73 6.09
CA VAL B 123 9.47 -12.67 5.68
C VAL B 123 8.54 -12.07 4.62
N CYS B 124 8.19 -10.79 4.77
CA CYS B 124 7.31 -10.15 3.80
C CYS B 124 8.04 -10.05 2.46
N MET B 125 9.32 -9.74 2.51
CA MET B 125 10.15 -9.62 1.30
C MET B 125 10.15 -11.01 0.66
N LYS B 126 10.36 -12.03 1.47
CA LYS B 126 10.40 -13.40 0.99
C LYS B 126 9.06 -13.82 0.37
N VAL B 127 7.96 -13.40 0.98
CA VAL B 127 6.63 -13.76 0.47
C VAL B 127 6.29 -13.04 -0.84
N PHE B 128 6.62 -11.76 -0.92
CA PHE B 128 6.32 -11.03 -2.16
C PHE B 128 7.04 -11.70 -3.33
N LYS B 129 8.30 -12.09 -3.11
CA LYS B 129 9.08 -12.77 -4.15
C LYS B 129 8.36 -14.04 -4.60
N SER B 130 7.79 -14.77 -3.64
CA SER B 130 7.09 -16.01 -3.98
C SER B 130 5.92 -15.73 -4.91
N TRP B 131 5.26 -14.58 -4.71
CA TRP B 131 4.12 -14.21 -5.54
C TRP B 131 4.52 -13.75 -6.95
N GLU B 132 5.54 -12.92 -7.04
CA GLU B 132 5.97 -12.48 -8.36
C GLU B 132 6.59 -13.63 -9.13
N ALA B 133 7.12 -14.61 -8.39
CA ALA B 133 7.71 -15.80 -8.98
C ALA B 133 6.63 -16.59 -9.71
N VAL B 134 5.42 -16.58 -9.16
CA VAL B 134 4.30 -17.29 -9.78
C VAL B 134 4.06 -16.63 -11.13
N PHE B 135 4.10 -15.31 -11.14
CA PHE B 135 3.91 -14.56 -12.38
C PHE B 135 5.11 -14.81 -13.30
N ALA B 136 6.31 -14.79 -12.72
CA ALA B 136 7.53 -15.00 -13.48
C ALA B 136 7.59 -16.38 -14.12
N ARG B 137 7.20 -17.41 -13.36
CA ARG B 137 7.21 -18.77 -13.86
C ARG B 137 6.29 -18.91 -15.09
N LYS B 138 5.09 -18.35 -14.99
CA LYS B 138 4.13 -18.42 -16.08
C LYS B 138 4.66 -17.74 -17.36
N LEU B 139 5.26 -16.57 -17.21
CA LEU B 139 5.79 -15.87 -18.38
C LEU B 139 6.96 -16.66 -18.96
N MET B 140 7.79 -17.25 -18.10
CA MET B 140 8.94 -18.05 -18.54
C MET B 140 8.45 -19.24 -19.36
N GLU B 141 7.26 -19.73 -19.03
CA GLU B 141 6.69 -20.87 -19.73
C GLU B 141 6.17 -20.44 -21.09
N ASN B 142 6.30 -19.14 -21.37
CA ASN B 142 5.86 -18.58 -22.63
C ASN B 142 6.96 -17.87 -23.40
N GLY B 143 8.21 -18.21 -23.13
CA GLY B 143 9.29 -17.59 -23.88
C GLY B 143 10.10 -16.49 -23.23
N PHE B 144 9.59 -15.88 -22.17
CA PHE B 144 10.34 -14.82 -21.51
C PHE B 144 11.53 -15.39 -20.75
N ALA B 145 12.64 -14.66 -20.78
CA ALA B 145 13.84 -15.07 -20.07
C ALA B 145 13.63 -14.84 -18.58
N GLU B 146 14.37 -15.59 -17.75
CA GLU B 146 14.27 -15.49 -16.30
C GLU B 146 14.33 -14.05 -15.79
N GLU B 147 15.34 -13.31 -16.23
CA GLU B 147 15.52 -11.93 -15.81
C GLU B 147 14.34 -11.03 -16.21
N GLU B 148 13.88 -11.16 -17.45
CA GLU B 148 12.76 -10.34 -17.93
C GLU B 148 11.47 -10.78 -17.23
N ALA B 149 11.33 -12.08 -17.03
CA ALA B 149 10.15 -12.65 -16.37
C ALA B 149 10.08 -12.15 -14.94
N ASN B 150 11.21 -12.14 -14.24
CA ASN B 150 11.25 -11.67 -12.86
C ASN B 150 10.86 -10.19 -12.74
N GLN B 151 11.23 -9.38 -13.72
CA GLN B 151 10.90 -7.95 -13.68
C GLN B 151 9.42 -7.67 -13.83
N LEU B 152 8.75 -8.36 -14.76
CA LEU B 152 7.33 -8.17 -14.95
C LEU B 152 6.61 -8.67 -13.71
N GLY B 153 7.22 -9.63 -13.01
CA GLY B 153 6.64 -10.18 -11.82
C GLY B 153 6.55 -9.11 -10.73
N THR B 154 7.67 -8.49 -10.42
CA THR B 154 7.66 -7.45 -9.40
C THR B 154 6.85 -6.23 -9.84
N LEU B 155 6.77 -5.97 -11.14
CA LEU B 155 5.99 -4.84 -11.63
C LEU B 155 4.49 -5.15 -11.48
N ILE B 156 4.08 -6.32 -11.92
CA ILE B 156 2.69 -6.71 -11.81
C ILE B 156 2.24 -6.79 -10.34
N ASN B 157 3.13 -7.27 -9.48
CA ASN B 157 2.82 -7.39 -8.06
C ASN B 157 2.64 -6.02 -7.41
N SER B 158 3.55 -5.11 -7.73
CA SER B 158 3.50 -3.76 -7.20
C SER B 158 2.21 -3.07 -7.62
N MET B 159 1.84 -3.25 -8.89
CA MET B 159 0.63 -2.64 -9.43
C MET B 159 -0.63 -3.16 -8.74
N ILE B 160 -0.67 -4.46 -8.47
CA ILE B 160 -1.86 -5.02 -7.82
C ILE B 160 -1.97 -4.50 -6.38
N GLU B 161 -0.85 -4.41 -5.69
CA GLU B 161 -0.85 -3.92 -4.32
C GLU B 161 -1.37 -2.47 -4.32
N GLY B 162 -0.87 -1.67 -5.25
CA GLY B 162 -1.31 -0.29 -5.38
C GLY B 162 -2.80 -0.23 -5.69
N GLY B 163 -3.26 -1.10 -6.57
CA GLY B 163 -4.66 -1.14 -6.94
C GLY B 163 -5.55 -1.51 -5.76
N ILE B 164 -5.07 -2.44 -4.94
CA ILE B 164 -5.84 -2.85 -3.78
C ILE B 164 -5.95 -1.70 -2.77
N MET B 165 -4.85 -1.00 -2.52
CA MET B 165 -4.86 0.12 -1.57
C MET B 165 -5.87 1.20 -1.99
N LEU B 166 -5.83 1.55 -3.27
CA LEU B 166 -6.71 2.57 -3.81
C LEU B 166 -8.16 2.09 -3.87
N SER B 167 -8.35 0.83 -4.24
CA SER B 167 -9.70 0.27 -4.32
C SER B 167 -10.29 0.21 -2.92
N LEU B 168 -9.46 -0.11 -1.93
CA LEU B 168 -9.92 -0.18 -0.55
C LEU B 168 -10.27 1.20 -0.02
N THR B 169 -9.42 2.19 -0.29
CA THR B 169 -9.65 3.56 0.13
C THR B 169 -10.92 4.08 -0.55
N ASN B 170 -11.10 3.75 -1.83
CA ASN B 170 -12.28 4.19 -2.58
C ASN B 170 -13.49 3.26 -2.41
N LYS B 171 -13.30 2.11 -1.75
CA LYS B 171 -14.41 1.16 -1.58
C LYS B 171 -15.01 0.90 -2.94
N ASP B 172 -14.18 0.90 -3.97
CA ASP B 172 -14.62 0.68 -5.34
C ASP B 172 -13.50 -0.01 -6.10
N LYS B 173 -13.87 -0.92 -7.01
CA LYS B 173 -12.88 -1.69 -7.75
C LYS B 173 -12.29 -1.04 -9.01
N THR B 174 -12.75 0.15 -9.38
CA THR B 174 -12.24 0.78 -10.61
C THR B 174 -10.72 0.76 -10.72
N PRO B 175 -10.00 1.18 -9.66
CA PRO B 175 -8.54 1.17 -9.72
C PRO B 175 -8.00 -0.16 -10.27
N LEU B 176 -8.45 -1.27 -9.69
CA LEU B 176 -7.97 -2.58 -10.11
C LEU B 176 -8.34 -2.97 -11.55
N LEU B 177 -9.52 -2.58 -12.00
CA LEU B 177 -9.93 -2.90 -13.37
C LEU B 177 -9.03 -2.11 -14.31
N LEU B 178 -8.70 -0.88 -13.91
CA LEU B 178 -7.84 -0.01 -14.70
C LEU B 178 -6.50 -0.66 -14.94
N ILE B 179 -5.94 -1.23 -13.88
CA ILE B 179 -4.65 -1.90 -13.95
C ILE B 179 -4.73 -3.12 -14.87
N ALA B 180 -5.84 -3.84 -14.81
CA ALA B 180 -6.05 -5.04 -15.64
C ALA B 180 -5.98 -4.68 -17.12
N GLU B 181 -6.56 -3.54 -17.48
CA GLU B 181 -6.57 -3.09 -18.87
C GLU B 181 -5.19 -2.69 -19.39
N GLN B 182 -4.19 -2.73 -18.53
CA GLN B 182 -2.84 -2.35 -18.93
C GLN B 182 -1.89 -3.53 -19.13
N ILE B 183 -2.24 -4.70 -18.58
CA ILE B 183 -1.37 -5.85 -18.69
C ILE B 183 -0.87 -6.15 -20.12
N PRO B 184 -1.76 -6.04 -21.13
CA PRO B 184 -1.36 -6.30 -22.52
C PRO B 184 -0.19 -5.46 -23.04
N VAL B 185 -0.25 -4.14 -22.86
CA VAL B 185 0.83 -3.26 -23.35
C VAL B 185 2.12 -3.39 -22.57
N LEU B 186 2.02 -3.60 -21.25
CA LEU B 186 3.20 -3.75 -20.43
C LEU B 186 3.86 -5.06 -20.83
N VAL B 187 3.05 -6.10 -21.00
CA VAL B 187 3.55 -7.39 -21.45
C VAL B 187 3.52 -7.25 -22.96
N ARG B 188 4.58 -6.68 -23.51
CA ARG B 188 4.68 -6.45 -24.95
C ARG B 188 5.93 -5.60 -25.14
#